data_3N0R
#
_entry.id   3N0R
#
_cell.length_a   45.182
_cell.length_b   61.198
_cell.length_c   53.025
_cell.angle_alpha   90.00
_cell.angle_beta   108.73
_cell.angle_gamma   90.00
#
_symmetry.space_group_name_H-M   'P 1 21 1'
#
loop_
_entity.id
_entity.type
_entity.pdbx_description
1 polymer 'Response regulator'
2 non-polymer GLYCEROL
3 water water
#
_entity_poly.entity_id   1
_entity_poly.type   'polypeptide(L)'
_entity_poly.pdbx_seq_one_letter_code
;(MSE)GSSHHHHHHSSGLVPRGSE(MSE)HLLARLAPHLPYIRRYARALTGDQATGDHYVRVALEALAAGELVLDANLSP
RVALYRVFHAIWLSSGAQLEVGHDQGLHAGDDAAQRL(MSE)RIAPRSRQAFLLTALEGFTPTEAAQILDCDFGEVERLI
GDAQAEIDAELATEVLIIEDEPVIAADIEALVRELGHDVTDIAATRGEALEAVTRRTPGLVLADIQLADGSSGIDAVKDI
LGR(MSE)DVPVIFITAFPERLLTGERPEPTFLITKPFQPETVKAAIGQALFFHPRRTAKAA
;
_entity_poly.pdbx_strand_id   A
#
# COMPACT_ATOMS: atom_id res chain seq x y z
N GLU A 20 -10.72 -11.24 -25.70
CA GLU A 20 -11.19 -10.47 -26.85
C GLU A 20 -11.68 -9.07 -26.46
N HIS A 22 -11.42 -5.13 -25.40
CA HIS A 22 -10.61 -4.02 -25.86
C HIS A 22 -9.80 -3.43 -24.72
N LEU A 23 -8.84 -2.56 -25.07
CA LEU A 23 -7.82 -2.15 -24.12
C LEU A 23 -8.34 -1.67 -22.77
N LEU A 24 -9.29 -0.73 -22.76
CA LEU A 24 -9.71 -0.16 -21.49
CA LEU A 24 -9.71 -0.16 -21.50
C LEU A 24 -10.39 -1.19 -20.60
N ALA A 25 -11.08 -2.16 -21.20
CA ALA A 25 -11.71 -3.22 -20.44
C ALA A 25 -10.67 -4.15 -19.82
N ARG A 26 -9.57 -4.38 -20.52
CA ARG A 26 -8.49 -5.21 -19.98
C ARG A 26 -7.80 -4.52 -18.80
N LEU A 27 -7.72 -3.19 -18.86
CA LEU A 27 -7.05 -2.42 -17.81
C LEU A 27 -7.92 -2.10 -16.60
N ALA A 28 -9.19 -1.77 -16.84
CA ALA A 28 -10.02 -1.12 -15.83
C ALA A 28 -10.11 -1.83 -14.48
N PRO A 29 -10.31 -3.16 -14.48
CA PRO A 29 -10.48 -3.83 -13.18
C PRO A 29 -9.23 -3.74 -12.30
N HIS A 30 -8.06 -3.46 -12.89
CA HIS A 30 -6.81 -3.49 -12.16
C HIS A 30 -6.37 -2.12 -11.68
N LEU A 31 -7.02 -1.06 -12.17
CA LEU A 31 -6.62 0.29 -11.82
C LEU A 31 -6.70 0.65 -10.34
N PRO A 32 -7.80 0.28 -9.65
CA PRO A 32 -7.83 0.63 -8.22
C PRO A 32 -6.65 0.03 -7.45
N TYR A 33 -6.30 -1.20 -7.79
CA TYR A 33 -5.27 -1.89 -7.03
C TYR A 33 -3.85 -1.42 -7.33
N ILE A 34 -3.60 -0.99 -8.57
CA ILE A 34 -2.31 -0.38 -8.84
C ILE A 34 -2.22 1.00 -8.16
N ARG A 35 -3.34 1.69 -7.97
CA ARG A 35 -3.32 2.88 -7.10
C ARG A 35 -2.92 2.51 -5.68
N ARG A 36 -3.46 1.42 -5.15
CA ARG A 36 -3.08 0.96 -3.82
C ARG A 36 -1.57 0.75 -3.73
N TYR A 37 -1.02 0.04 -4.71
CA TYR A 37 0.41 -0.20 -4.79
C TYR A 37 1.19 1.11 -4.82
N ALA A 38 0.81 2.01 -5.72
CA ALA A 38 1.56 3.24 -5.94
C ALA A 38 1.52 4.15 -4.71
N ARG A 39 0.37 4.20 -4.06
CA ARG A 39 0.26 4.97 -2.82
C ARG A 39 1.13 4.39 -1.73
N ALA A 40 1.12 3.07 -1.56
CA ALA A 40 1.93 2.43 -0.52
C ALA A 40 3.42 2.57 -0.80
N LEU A 41 3.80 2.51 -2.07
CA LEU A 41 5.20 2.59 -2.45
C LEU A 41 5.76 4.00 -2.30
N THR A 42 4.95 5.00 -2.65
CA THR A 42 5.40 6.40 -2.62
C THR A 42 5.10 7.10 -1.29
N GLY A 43 4.18 6.54 -0.51
CA GLY A 43 3.80 7.13 0.77
C GLY A 43 2.91 8.34 0.66
N ASP A 44 2.33 8.58 -0.53
CA ASP A 44 1.52 9.78 -0.73
C ASP A 44 0.37 9.50 -1.67
N GLN A 45 -0.85 9.81 -1.25
CA GLN A 45 -2.01 9.50 -2.07
C GLN A 45 -1.96 10.21 -3.42
N ALA A 46 -1.75 11.52 -3.43
CA ALA A 46 -1.78 12.28 -4.67
C ALA A 46 -0.72 11.80 -5.65
N THR A 47 0.48 11.52 -5.14
CA THR A 47 1.59 11.07 -6.00
C THR A 47 1.27 9.72 -6.62
N GLY A 48 0.85 8.76 -5.80
CA GLY A 48 0.55 7.45 -6.32
C GLY A 48 -0.54 7.50 -7.39
N ASP A 49 -1.59 8.25 -7.09
CA ASP A 49 -2.70 8.38 -8.05
C ASP A 49 -2.22 9.01 -9.35
N HIS A 50 -1.39 10.04 -9.24
CA HIS A 50 -0.92 10.75 -10.41
C HIS A 50 -0.09 9.82 -11.29
N TYR A 51 0.79 9.02 -10.68
CA TYR A 51 1.65 8.15 -11.46
C TYR A 51 0.80 7.12 -12.23
N VAL A 52 -0.25 6.62 -11.58
CA VAL A 52 -1.15 5.70 -12.25
C VAL A 52 -1.90 6.38 -13.41
N ARG A 53 -2.39 7.59 -13.19
CA ARG A 53 -3.12 8.30 -14.22
CA ARG A 53 -3.12 8.31 -14.23
C ARG A 53 -2.26 8.51 -15.47
N VAL A 54 -0.99 8.86 -15.27
CA VAL A 54 -0.07 9.06 -16.38
C VAL A 54 0.11 7.76 -17.16
N ALA A 55 0.30 6.64 -16.45
CA ALA A 55 0.44 5.35 -17.14
C ALA A 55 -0.82 4.99 -17.94
N LEU A 56 -1.99 5.21 -17.34
CA LEU A 56 -3.25 4.93 -18.02
C LEU A 56 -3.38 5.75 -19.30
N GLU A 57 -3.12 7.05 -19.20
CA GLU A 57 -3.25 7.92 -20.37
C GLU A 57 -2.27 7.55 -21.47
N ALA A 58 -1.05 7.17 -21.10
CA ALA A 58 -0.04 6.78 -22.07
C ALA A 58 -0.46 5.53 -22.83
N LEU A 59 -1.03 4.57 -22.11
CA LEU A 59 -1.52 3.36 -22.76
C LEU A 59 -2.70 3.67 -23.68
N ALA A 60 -3.63 4.49 -23.20
CA ALA A 60 -4.83 4.78 -23.98
C ALA A 60 -4.48 5.50 -25.27
N ALA A 61 -3.40 6.30 -25.24
CA ALA A 61 -2.95 7.08 -26.39
C ALA A 61 -2.02 6.32 -27.31
N GLY A 62 -1.63 5.11 -26.92
CA GLY A 62 -0.76 4.29 -27.74
C GLY A 62 0.71 4.67 -27.68
N GLU A 63 1.09 5.43 -26.66
CA GLU A 63 2.48 5.85 -26.46
C GLU A 63 3.34 4.69 -25.95
N LEU A 64 2.69 3.76 -25.26
CA LEU A 64 3.25 2.48 -24.83
CA LEU A 64 3.30 2.47 -25.01
C LEU A 64 2.22 1.41 -25.14
N VAL A 65 2.66 0.16 -25.27
CA VAL A 65 1.72 -0.92 -25.52
C VAL A 65 1.91 -2.03 -24.50
N LEU A 66 0.81 -2.58 -23.99
CA LEU A 66 0.89 -3.72 -23.10
C LEU A 66 1.59 -4.87 -23.79
N ASP A 67 2.41 -5.59 -23.04
CA ASP A 67 2.98 -6.82 -23.56
C ASP A 67 1.86 -7.77 -23.98
N ALA A 68 1.96 -8.31 -25.20
CA ALA A 68 0.89 -9.10 -25.80
C ALA A 68 0.67 -10.48 -25.17
N ASN A 69 1.62 -10.97 -24.40
N ASN A 69 1.64 -10.94 -24.38
CA ASN A 69 1.48 -12.30 -23.84
CA ASN A 69 1.61 -12.31 -23.85
C ASN A 69 1.11 -12.29 -22.35
C ASN A 69 1.79 -12.43 -22.33
N LEU A 70 1.65 -11.32 -21.62
CA LEU A 70 1.50 -11.31 -20.17
C LEU A 70 0.02 -11.06 -19.90
N SER A 71 -0.44 -11.44 -18.71
CA SER A 71 -1.80 -11.08 -18.32
C SER A 71 -1.88 -9.56 -18.30
N PRO A 72 -3.07 -9.02 -18.58
CA PRO A 72 -3.17 -7.55 -18.54
C PRO A 72 -2.73 -6.95 -17.20
N ARG A 73 -3.00 -7.62 -16.07
CA ARG A 73 -2.59 -7.07 -14.79
CA ARG A 73 -2.59 -7.08 -14.77
C ARG A 73 -1.07 -6.95 -14.70
N VAL A 74 -0.37 -8.04 -15.01
CA VAL A 74 1.09 -8.01 -14.98
C VAL A 74 1.63 -6.99 -15.98
N ALA A 75 1.06 -6.98 -17.18
CA ALA A 75 1.49 -6.04 -18.23
C ALA A 75 1.33 -4.59 -17.81
N LEU A 76 0.23 -4.28 -17.12
CA LEU A 76 -0.02 -2.92 -16.65
C LEU A 76 1.06 -2.51 -15.64
N TYR A 77 1.36 -3.38 -14.68
CA TYR A 77 2.39 -3.07 -13.71
C TYR A 77 3.75 -2.92 -14.39
N ARG A 78 4.04 -3.75 -15.39
CA ARG A 78 5.29 -3.62 -16.12
C ARG A 78 5.41 -2.23 -16.78
N VAL A 79 4.33 -1.77 -17.40
CA VAL A 79 4.31 -0.43 -18.00
C VAL A 79 4.54 0.64 -16.93
N PHE A 80 3.86 0.51 -15.80
CA PHE A 80 4.04 1.46 -14.70
C PHE A 80 5.51 1.53 -14.27
N HIS A 81 6.15 0.36 -14.18
CA HIS A 81 7.56 0.31 -13.81
C HIS A 81 8.49 0.89 -14.87
N ALA A 82 8.17 0.69 -16.15
CA ALA A 82 8.96 1.28 -17.23
C ALA A 82 8.93 2.82 -17.16
N ILE A 83 7.74 3.36 -16.88
CA ILE A 83 7.59 4.80 -16.82
C ILE A 83 8.25 5.40 -15.58
N TRP A 84 8.04 4.79 -14.42
CA TRP A 84 8.37 5.44 -13.15
C TRP A 84 9.57 4.89 -12.39
N LEU A 85 9.91 3.61 -12.61
CA LEU A 85 10.78 2.91 -11.67
C LEU A 85 11.95 2.21 -12.35
N SER A 86 12.37 2.70 -13.51
CA SER A 86 13.45 2.04 -14.23
C SER A 86 14.76 2.81 -14.24
N SER A 87 14.84 3.92 -13.49
CA SER A 87 16.07 4.68 -13.44
C SER A 87 17.23 3.80 -12.99
N GLY A 88 18.35 3.89 -13.70
CA GLY A 88 19.50 3.05 -13.40
C GLY A 88 19.47 1.75 -14.18
N ALA A 89 18.49 1.61 -15.07
CA ALA A 89 18.43 0.45 -15.96
C ALA A 89 19.43 0.62 -17.10
N GLY A 94 14.47 1.18 -27.93
CA GLY A 94 14.08 -0.21 -27.74
C GLY A 94 13.22 -0.39 -26.50
N HIS A 95 13.87 -0.42 -25.33
CA HIS A 95 13.15 -0.59 -24.08
C HIS A 95 12.59 0.74 -23.61
N ASP A 96 11.27 0.80 -23.42
CA ASP A 96 10.61 2.00 -22.94
C ASP A 96 11.13 2.42 -21.57
N GLN A 97 11.50 3.68 -21.43
CA GLN A 97 11.84 4.20 -20.12
C GLN A 97 11.43 5.66 -20.00
N GLY A 98 10.70 6.00 -18.93
CA GLY A 98 10.23 7.36 -18.69
C GLY A 98 11.22 8.14 -17.85
N LEU A 99 11.12 8.04 -16.53
CA LEU A 99 12.08 8.67 -15.65
C LEU A 99 13.48 8.12 -15.84
N HIS A 100 14.47 9.00 -15.70
CA HIS A 100 15.87 8.62 -15.67
C HIS A 100 16.48 9.15 -14.39
N ALA A 101 17.68 8.66 -14.04
CA ALA A 101 18.26 8.87 -12.72
C ALA A 101 18.40 10.35 -12.34
N GLY A 102 18.62 11.21 -13.32
CA GLY A 102 18.81 12.62 -13.05
C GLY A 102 17.55 13.38 -12.68
N ASP A 103 16.38 12.79 -12.91
CA ASP A 103 15.15 13.49 -12.62
C ASP A 103 14.90 13.58 -11.11
N ASP A 104 14.33 14.68 -10.64
CA ASP A 104 14.06 14.84 -9.22
C ASP A 104 13.23 13.70 -8.65
N ALA A 105 12.16 13.33 -9.36
CA ALA A 105 11.29 12.26 -8.88
C ALA A 105 12.05 10.94 -8.79
N ALA A 106 12.95 10.71 -9.75
CA ALA A 106 13.72 9.46 -9.76
C ALA A 106 14.67 9.39 -8.56
N GLN A 107 15.28 10.52 -8.23
CA GLN A 107 16.17 10.57 -7.08
CA GLN A 107 16.17 10.58 -7.07
C GLN A 107 15.42 10.27 -5.78
N ARG A 108 14.22 10.82 -5.64
CA ARG A 108 13.41 10.53 -4.46
C ARG A 108 13.02 9.06 -4.43
N LEU A 109 12.57 8.54 -5.57
CA LEU A 109 12.14 7.15 -5.62
C LEU A 109 13.27 6.17 -5.33
N ARG A 111 15.52 6.52 -3.21
CA ARG A 111 15.69 6.52 -1.76
C ARG A 111 14.54 5.84 -1.03
N ILE A 112 13.30 6.19 -1.39
CA ILE A 112 12.15 5.68 -0.65
C ILE A 112 11.58 4.39 -1.20
N ALA A 113 11.85 4.11 -2.48
CA ALA A 113 11.25 2.98 -3.17
C ALA A 113 12.28 2.17 -3.94
N PRO A 114 13.27 1.60 -3.23
CA PRO A 114 14.27 0.77 -3.92
C PRO A 114 13.64 -0.49 -4.48
N ARG A 115 14.35 -1.14 -5.39
CA ARG A 115 13.84 -2.34 -6.03
C ARG A 115 13.47 -3.44 -5.02
N SER A 116 14.20 -3.54 -3.92
CA SER A 116 13.85 -4.53 -2.90
C SER A 116 12.44 -4.30 -2.38
N ARG A 117 12.10 -3.04 -2.12
CA ARG A 117 10.79 -2.71 -1.58
C ARG A 117 9.69 -2.92 -2.61
N GLN A 118 9.99 -2.61 -3.87
CA GLN A 118 9.05 -2.90 -4.95
C GLN A 118 8.75 -4.40 -4.99
N ALA A 119 9.78 -5.23 -4.96
CA ALA A 119 9.59 -6.68 -5.03
C ALA A 119 8.73 -7.18 -3.87
N PHE A 120 9.00 -6.66 -2.68
CA PHE A 120 8.23 -7.04 -1.52
C PHE A 120 6.77 -6.60 -1.63
N LEU A 121 6.53 -5.36 -2.04
CA LEU A 121 5.14 -4.92 -2.17
C LEU A 121 4.39 -5.67 -3.29
N LEU A 122 5.07 -5.94 -4.41
CA LEU A 122 4.41 -6.64 -5.51
C LEU A 122 3.90 -8.01 -5.05
N THR A 123 4.68 -8.69 -4.23
CA THR A 123 4.32 -10.02 -3.76
C THR A 123 3.42 -9.97 -2.53
N ALA A 124 3.88 -9.33 -1.45
CA ALA A 124 3.13 -9.32 -0.19
C ALA A 124 1.86 -8.45 -0.21
N LEU A 125 1.94 -7.26 -0.79
CA LEU A 125 0.78 -6.37 -0.84
C LEU A 125 -0.16 -6.70 -2.00
N GLU A 126 0.42 -6.91 -3.19
CA GLU A 126 -0.38 -7.04 -4.39
C GLU A 126 -0.69 -8.48 -4.78
N GLY A 127 -0.02 -9.44 -4.15
CA GLY A 127 -0.30 -10.85 -4.38
C GLY A 127 0.23 -11.44 -5.67
N PHE A 128 1.18 -10.79 -6.32
CA PHE A 128 1.83 -11.41 -7.47
C PHE A 128 2.73 -12.56 -6.99
N THR A 129 2.87 -13.59 -7.81
CA THR A 129 3.87 -14.62 -7.54
C THR A 129 5.26 -14.03 -7.79
N PRO A 130 6.31 -14.65 -7.24
CA PRO A 130 7.66 -14.16 -7.54
C PRO A 130 7.96 -14.15 -9.05
N THR A 131 7.47 -15.13 -9.79
CA THR A 131 7.68 -15.12 -11.24
C THR A 131 6.99 -13.93 -11.92
N GLU A 132 5.76 -13.63 -11.49
CA GLU A 132 5.07 -12.45 -12.01
C GLU A 132 5.83 -11.17 -11.65
N ALA A 133 6.27 -11.06 -10.39
CA ALA A 133 7.02 -9.89 -9.97
C ALA A 133 8.31 -9.72 -10.81
N ALA A 134 8.94 -10.84 -11.17
CA ALA A 134 10.13 -10.81 -12.01
C ALA A 134 9.87 -10.19 -13.38
N GLN A 135 8.69 -10.46 -13.96
CA GLN A 135 8.29 -9.85 -15.24
CA GLN A 135 8.35 -9.86 -15.24
C GLN A 135 8.12 -8.36 -15.09
N ILE A 136 7.56 -7.95 -13.96
CA ILE A 136 7.29 -6.54 -13.72
C ILE A 136 8.59 -5.78 -13.52
N LEU A 137 9.52 -6.39 -12.78
CA LEU A 137 10.81 -5.77 -12.46
C LEU A 137 11.85 -5.99 -13.56
N ASP A 138 11.55 -6.87 -14.51
CA ASP A 138 12.50 -7.23 -15.57
C ASP A 138 13.80 -7.82 -15.00
N CYS A 139 13.65 -8.83 -14.15
CA CYS A 139 14.80 -9.53 -13.58
C CYS A 139 14.51 -11.02 -13.53
N ASP A 140 15.48 -11.82 -13.09
CA ASP A 140 15.25 -13.25 -12.99
C ASP A 140 14.70 -13.68 -11.63
N PHE A 141 14.36 -14.95 -11.52
CA PHE A 141 13.73 -15.47 -10.31
C PHE A 141 14.63 -15.30 -9.09
N GLY A 142 15.90 -15.66 -9.25
CA GLY A 142 16.84 -15.55 -8.14
C GLY A 142 16.95 -14.13 -7.62
N GLU A 143 16.96 -13.16 -8.53
CA GLU A 143 17.05 -11.76 -8.14
C GLU A 143 15.80 -11.31 -7.39
N VAL A 144 14.61 -11.71 -7.84
CA VAL A 144 13.42 -11.30 -7.12
CA VAL A 144 13.38 -11.35 -7.13
C VAL A 144 13.42 -11.89 -5.70
N GLU A 145 13.86 -13.13 -5.54
CA GLU A 145 13.94 -13.73 -4.22
C GLU A 145 14.93 -12.98 -3.32
N ARG A 146 16.06 -12.56 -3.88
CA ARG A 146 17.05 -11.80 -3.12
C ARG A 146 16.45 -10.47 -2.67
N LEU A 147 15.78 -9.80 -3.60
CA LEU A 147 15.16 -8.51 -3.31
C LEU A 147 14.11 -8.63 -2.22
N ILE A 148 13.24 -9.63 -2.32
CA ILE A 148 12.21 -9.84 -1.32
C ILE A 148 12.84 -10.08 0.06
N GLY A 149 13.87 -10.91 0.11
CA GLY A 149 14.55 -11.21 1.35
C GLY A 149 15.13 -9.98 2.00
N ASP A 150 15.72 -9.10 1.19
CA ASP A 150 16.27 -7.85 1.72
C ASP A 150 15.19 -6.99 2.36
N ALA A 151 14.08 -6.82 1.65
CA ALA A 151 13.00 -6.00 2.15
C ALA A 151 12.39 -6.61 3.40
N GLN A 152 12.24 -7.94 3.41
CA GLN A 152 11.64 -8.60 4.56
C GLN A 152 12.44 -8.33 5.83
N ALA A 153 13.77 -8.39 5.71
CA ALA A 153 14.63 -8.13 6.84
C ALA A 153 14.47 -6.69 7.33
N GLU A 154 14.38 -5.74 6.39
CA GLU A 154 14.21 -4.32 6.75
C GLU A 154 12.88 -4.08 7.47
N ILE A 155 11.82 -4.69 6.95
CA ILE A 155 10.52 -4.53 7.55
C ILE A 155 10.47 -5.20 8.93
N ASP A 156 11.02 -6.41 9.03
CA ASP A 156 11.01 -7.09 10.31
C ASP A 156 11.85 -6.33 11.34
N ALA A 157 12.87 -5.61 10.88
CA ALA A 157 13.74 -4.81 11.75
C ALA A 157 13.12 -3.49 12.24
N GLU A 158 11.96 -3.12 11.71
CA GLU A 158 11.25 -1.94 12.22
C GLU A 158 11.03 -2.05 13.71
N LEU A 159 11.17 -0.93 14.42
CA LEU A 159 11.01 -0.96 15.87
C LEU A 159 9.57 -1.24 16.29
N ALA A 160 9.44 -2.01 17.36
CA ALA A 160 8.12 -2.25 17.95
C ALA A 160 7.49 -0.91 18.33
N THR A 161 6.22 -0.77 18.04
N THR A 161 6.22 -0.75 17.98
CA THR A 161 5.52 0.44 18.41
CA THR A 161 5.48 0.48 18.30
C THR A 161 4.19 0.12 19.06
C THR A 161 4.10 0.17 18.88
N GLU A 162 3.54 1.15 19.58
CA GLU A 162 2.24 1.01 20.20
C GLU A 162 1.16 1.23 19.18
N VAL A 163 0.20 0.31 19.14
CA VAL A 163 -0.84 0.31 18.11
C VAL A 163 -2.22 0.38 18.72
N LEU A 164 -3.04 1.29 18.21
CA LEU A 164 -4.46 1.36 18.56
C LEU A 164 -5.27 0.81 17.39
N ILE A 165 -6.21 -0.08 17.69
CA ILE A 165 -7.12 -0.61 16.69
C ILE A 165 -8.51 -0.03 16.94
N ILE A 166 -9.17 0.45 15.89
CA ILE A 166 -10.55 0.92 15.98
C ILE A 166 -11.41 0.05 15.07
N GLU A 167 -12.14 -0.87 15.68
CA GLU A 167 -12.86 -1.89 14.96
C GLU A 167 -13.93 -2.44 15.87
N ASP A 168 -15.17 -2.49 15.40
CA ASP A 168 -16.26 -3.00 16.23
C ASP A 168 -16.69 -4.43 15.90
N GLU A 169 -16.31 -4.94 14.74
CA GLU A 169 -16.64 -6.34 14.42
C GLU A 169 -15.69 -7.22 15.21
N PRO A 170 -16.21 -8.04 16.14
CA PRO A 170 -15.28 -8.65 17.10
C PRO A 170 -14.29 -9.66 16.50
N VAL A 171 -14.71 -10.49 15.55
CA VAL A 171 -13.78 -11.46 14.98
C VAL A 171 -12.68 -10.72 14.22
N ILE A 172 -13.06 -9.67 13.50
CA ILE A 172 -12.12 -8.86 12.76
C ILE A 172 -11.14 -8.14 13.70
N ALA A 173 -11.65 -7.57 14.78
CA ALA A 173 -10.81 -6.89 15.75
C ALA A 173 -9.78 -7.85 16.34
N ALA A 174 -10.24 -9.05 16.69
CA ALA A 174 -9.34 -10.06 17.27
C ALA A 174 -8.30 -10.53 16.23
N ASP A 175 -8.73 -10.68 14.98
CA ASP A 175 -7.84 -11.11 13.91
C ASP A 175 -6.72 -10.09 13.73
N ILE A 176 -7.08 -8.81 13.66
CA ILE A 176 -6.04 -7.81 13.42
CA ILE A 176 -6.06 -7.77 13.44
C ILE A 176 -5.13 -7.64 14.63
N GLU A 177 -5.66 -7.76 15.85
CA GLU A 177 -4.80 -7.75 17.03
C GLU A 177 -3.77 -8.87 16.95
N ALA A 178 -4.20 -10.04 16.52
CA ALA A 178 -3.30 -11.19 16.45
C ALA A 178 -2.18 -10.93 15.44
N LEU A 179 -2.56 -10.38 14.28
CA LEU A 179 -1.56 -10.10 13.25
C LEU A 179 -0.57 -9.03 13.71
N VAL A 180 -1.07 -7.99 14.37
CA VAL A 180 -0.20 -6.94 14.87
C VAL A 180 0.79 -7.47 15.91
N ARG A 181 0.28 -8.27 16.83
CA ARG A 181 1.13 -8.89 17.85
C ARG A 181 2.19 -9.80 17.20
N GLU A 182 1.79 -10.56 16.18
CA GLU A 182 2.69 -11.46 15.48
C GLU A 182 3.87 -10.72 14.84
N LEU A 183 3.67 -9.45 14.52
CA LEU A 183 4.72 -8.61 13.94
C LEU A 183 5.63 -7.98 15.00
N GLY A 184 5.35 -8.25 16.28
CA GLY A 184 6.17 -7.74 17.36
C GLY A 184 5.71 -6.42 17.95
N HIS A 185 4.58 -5.89 17.50
CA HIS A 185 4.10 -4.61 18.01
C HIS A 185 3.22 -4.79 19.23
N ASP A 186 2.96 -3.70 19.93
CA ASP A 186 2.22 -3.71 21.19
C ASP A 186 0.86 -3.06 20.99
N VAL A 187 -0.19 -3.87 21.02
CA VAL A 187 -1.54 -3.33 20.91
C VAL A 187 -1.95 -2.77 22.26
N THR A 188 -2.17 -1.47 22.31
CA THR A 188 -2.48 -0.84 23.59
C THR A 188 -3.98 -0.71 23.86
N ASP A 189 -4.81 -0.78 22.81
CA ASP A 189 -6.25 -0.85 23.01
C ASP A 189 -6.94 -1.21 21.70
N ILE A 190 -8.18 -1.68 21.83
CA ILE A 190 -9.08 -1.92 20.71
C ILE A 190 -10.38 -1.21 21.06
N ALA A 191 -10.70 -0.19 20.28
CA ALA A 191 -11.88 0.63 20.51
C ALA A 191 -12.98 0.24 19.55
N ALA A 192 -14.21 0.10 20.07
CA ALA A 192 -15.34 -0.29 19.24
C ALA A 192 -16.14 0.90 18.74
N THR A 193 -15.90 2.07 19.31
CA THR A 193 -16.63 3.28 18.96
C THR A 193 -15.67 4.45 18.85
N ARG A 194 -16.15 5.54 18.25
CA ARG A 194 -15.34 6.75 18.14
C ARG A 194 -14.94 7.26 19.52
N GLY A 195 -15.86 7.18 20.48
CA GLY A 195 -15.64 7.65 21.83
C GLY A 195 -14.61 6.82 22.57
N GLU A 196 -14.68 5.50 22.40
CA GLU A 196 -13.67 4.62 22.99
C GLU A 196 -12.29 4.92 22.43
N ALA A 197 -12.23 5.22 21.14
CA ALA A 197 -10.95 5.57 20.52
C ALA A 197 -10.40 6.86 21.12
N LEU A 198 -11.25 7.85 21.34
CA LEU A 198 -10.79 9.09 21.95
C LEU A 198 -10.32 8.88 23.39
N GLU A 199 -11.03 8.04 24.14
CA GLU A 199 -10.59 7.69 25.48
C GLU A 199 -9.20 7.06 25.46
N ALA A 200 -8.99 6.13 24.53
CA ALA A 200 -7.70 5.47 24.41
C ALA A 200 -6.57 6.45 24.10
N VAL A 201 -6.80 7.33 23.12
CA VAL A 201 -5.76 8.27 22.71
C VAL A 201 -5.48 9.30 23.81
N THR A 202 -6.51 9.66 24.57
CA THR A 202 -6.34 10.58 25.69
C THR A 202 -5.42 9.99 26.75
N ARG A 203 -5.47 8.67 26.92
CA ARG A 203 -4.57 8.00 27.86
CA ARG A 203 -4.58 8.00 27.87
C ARG A 203 -3.14 7.88 27.33
N ARG A 204 -3.01 7.55 26.05
CA ARG A 204 -1.68 7.38 25.47
C ARG A 204 -1.74 7.57 23.97
N THR A 205 -0.84 8.38 23.41
CA THR A 205 -0.79 8.55 21.97
C THR A 205 -0.09 7.35 21.34
N PRO A 206 -0.75 6.69 20.40
CA PRO A 206 -0.15 5.51 19.77
C PRO A 206 0.88 5.91 18.70
N GLY A 207 1.66 4.94 18.24
CA GLY A 207 2.57 5.14 17.12
C GLY A 207 1.96 4.74 15.79
N LEU A 208 0.80 4.09 15.84
CA LEU A 208 0.14 3.61 14.62
C LEU A 208 -1.32 3.33 14.97
N VAL A 209 -2.22 3.64 14.05
CA VAL A 209 -3.63 3.32 14.23
C VAL A 209 -4.13 2.53 13.02
N LEU A 210 -4.88 1.46 13.29
CA LEU A 210 -5.60 0.73 12.27
CA LEU A 210 -5.61 0.74 12.26
C LEU A 210 -7.08 0.96 12.54
N ALA A 211 -7.79 1.58 11.59
CA ALA A 211 -9.15 2.04 11.83
C ALA A 211 -10.11 1.60 10.74
N ASP A 212 -11.23 1.03 11.14
CA ASP A 212 -12.26 0.69 10.18
C ASP A 212 -12.87 1.96 9.60
N ILE A 213 -13.14 1.91 8.29
CA ILE A 213 -13.71 3.04 7.58
CA ILE A 213 -13.72 3.05 7.59
C ILE A 213 -15.17 3.30 8.01
N GLN A 214 -15.82 2.26 8.51
CA GLN A 214 -17.24 2.38 8.86
C GLN A 214 -17.62 1.47 10.00
N LEU A 215 -17.92 2.07 11.14
CA LEU A 215 -18.40 1.35 12.30
C LEU A 215 -19.90 1.05 12.17
N ALA A 216 -20.48 0.52 13.24
CA ALA A 216 -21.88 0.11 13.24
C ALA A 216 -22.85 1.26 13.06
N ASP A 217 -22.48 2.44 13.56
CA ASP A 217 -23.34 3.62 13.45
C ASP A 217 -23.18 4.30 12.09
N GLY A 218 -22.35 3.73 11.23
CA GLY A 218 -22.10 4.28 9.92
C GLY A 218 -20.97 5.31 9.93
N SER A 219 -20.45 5.60 11.12
CA SER A 219 -19.41 6.63 11.26
C SER A 219 -18.03 6.06 10.97
N SER A 220 -17.09 6.97 10.67
CA SER A 220 -15.70 6.60 10.48
C SER A 220 -15.02 6.53 11.84
N GLY A 221 -14.39 5.41 12.14
CA GLY A 221 -13.81 5.17 13.45
C GLY A 221 -12.76 6.20 13.86
N ILE A 222 -12.11 6.81 12.87
CA ILE A 222 -10.99 7.70 13.13
C ILE A 222 -11.43 9.12 13.49
N ASP A 223 -12.71 9.44 13.28
CA ASP A 223 -13.15 10.84 13.27
C ASP A 223 -12.81 11.67 14.51
N ALA A 224 -12.95 11.09 15.70
CA ALA A 224 -12.75 11.86 16.92
C ALA A 224 -11.29 11.95 17.33
N VAL A 225 -10.42 11.22 16.65
CA VAL A 225 -9.00 11.27 16.98
C VAL A 225 -8.12 11.77 15.82
N LYS A 226 -8.75 12.02 14.67
CA LYS A 226 -8.02 12.39 13.46
C LYS A 226 -7.13 13.61 13.68
N ASP A 227 -7.64 14.63 14.37
CA ASP A 227 -6.89 15.86 14.58
C ASP A 227 -5.67 15.65 15.49
N ILE A 228 -5.89 14.97 16.60
CA ILE A 228 -4.82 14.68 17.56
C ILE A 228 -3.72 13.85 16.91
N LEU A 229 -4.12 12.82 16.16
CA LEU A 229 -3.16 11.97 15.49
C LEU A 229 -2.39 12.75 14.45
N GLY A 230 -3.07 13.65 13.75
CA GLY A 230 -2.46 14.43 12.70
C GLY A 230 -1.35 15.33 13.20
N ARG A 231 -1.56 15.90 14.38
CA ARG A 231 -0.57 16.82 14.96
C ARG A 231 0.69 16.08 15.42
N ASP A 233 1.67 13.40 13.72
CA ASP A 233 2.01 12.65 12.51
C ASP A 233 1.96 11.14 12.71
N VAL A 234 0.93 10.67 13.41
CA VAL A 234 0.75 9.25 13.62
C VAL A 234 0.11 8.65 12.37
N PRO A 235 0.75 7.62 11.81
CA PRO A 235 0.19 7.01 10.60
C PRO A 235 -1.10 6.24 10.89
N VAL A 236 -2.03 6.29 9.95
CA VAL A 236 -3.30 5.57 10.04
C VAL A 236 -3.45 4.67 8.82
N ILE A 237 -3.80 3.41 9.09
CA ILE A 237 -4.13 2.46 8.05
C ILE A 237 -5.62 2.18 8.15
N PHE A 238 -6.34 2.31 7.05
CA PHE A 238 -7.78 2.08 7.06
C PHE A 238 -8.12 0.65 6.69
N ILE A 239 -9.11 0.13 7.40
CA ILE A 239 -9.60 -1.23 7.19
CA ILE A 239 -9.61 -1.23 7.19
C ILE A 239 -10.96 -1.17 6.50
N THR A 240 -11.13 -1.95 5.43
CA THR A 240 -12.40 -1.97 4.70
C THR A 240 -12.63 -3.30 3.97
N ALA A 241 -13.88 -3.67 3.82
CA ALA A 241 -14.21 -4.84 3.00
C ALA A 241 -14.22 -4.53 1.50
N PHE A 242 -14.24 -3.24 1.17
CA PHE A 242 -14.39 -2.79 -0.23
C PHE A 242 -13.38 -1.70 -0.56
N PRO A 243 -12.11 -2.09 -0.63
CA PRO A 243 -11.03 -1.13 -0.83
C PRO A 243 -11.17 -0.33 -2.13
N GLU A 244 -11.74 -0.95 -3.15
CA GLU A 244 -11.89 -0.28 -4.43
C GLU A 244 -12.64 1.05 -4.33
N ARG A 245 -13.56 1.17 -3.37
CA ARG A 245 -14.33 2.41 -3.19
C ARG A 245 -13.49 3.58 -2.73
N LEU A 246 -12.33 3.27 -2.15
CA LEU A 246 -11.40 4.28 -1.64
C LEU A 246 -10.15 4.38 -2.53
N LEU A 247 -10.22 3.81 -3.72
CA LEU A 247 -9.08 3.74 -4.64
C LEU A 247 -9.49 4.29 -6.01
N THR A 248 -10.35 5.31 -6.02
CA THR A 248 -10.79 5.94 -7.27
C THR A 248 -9.78 6.93 -7.83
N GLY A 249 -8.99 7.54 -6.95
CA GLY A 249 -8.08 8.58 -7.37
C GLY A 249 -8.73 9.93 -7.69
N GLU A 250 -9.98 10.11 -7.29
CA GLU A 250 -10.72 11.31 -7.70
C GLU A 250 -11.08 12.23 -6.54
N ARG A 251 -10.72 11.83 -5.32
CA ARG A 251 -10.94 12.66 -4.15
CA ARG A 251 -11.00 12.60 -4.12
C ARG A 251 -9.98 12.22 -3.05
N PRO A 252 -9.91 12.99 -1.96
CA PRO A 252 -9.04 12.58 -0.86
C PRO A 252 -9.41 11.19 -0.36
N GLU A 253 -8.42 10.32 -0.26
CA GLU A 253 -8.62 8.91 0.08
C GLU A 253 -7.41 8.44 0.89
N PRO A 254 -7.52 7.27 1.53
CA PRO A 254 -6.40 6.76 2.33
C PRO A 254 -5.13 6.49 1.53
N THR A 255 -3.99 6.65 2.18
CA THR A 255 -2.72 6.25 1.60
C THR A 255 -2.44 4.78 1.84
N PHE A 256 -2.80 4.29 3.02
CA PHE A 256 -2.58 2.91 3.43
C PHE A 256 -3.91 2.26 3.76
N LEU A 257 -4.09 1.05 3.24
N LEU A 257 -4.19 1.09 3.19
CA LEU A 257 -5.36 0.36 3.22
CA LEU A 257 -5.45 0.44 3.50
C LEU A 257 -5.12 -1.13 3.48
C LEU A 257 -5.37 -1.07 3.33
N ILE A 258 -5.99 -1.75 4.28
CA ILE A 258 -6.00 -3.20 4.46
CA ILE A 258 -6.00 -3.20 4.30
C ILE A 258 -7.42 -3.70 4.18
N THR A 259 -7.53 -4.82 3.48
CA THR A 259 -8.81 -5.44 3.23
C THR A 259 -9.13 -6.46 4.31
N LYS A 260 -10.38 -6.45 4.77
CA LYS A 260 -10.90 -7.53 5.60
C LYS A 260 -11.84 -8.36 4.73
N PRO A 261 -11.83 -9.70 4.87
CA PRO A 261 -11.00 -10.49 5.78
C PRO A 261 -9.51 -10.43 5.41
N PHE A 262 -8.65 -10.65 6.39
CA PHE A 262 -7.23 -10.37 6.25
C PHE A 262 -6.44 -11.49 5.59
N GLN A 263 -5.56 -11.11 4.67
CA GLN A 263 -4.48 -11.97 4.24
C GLN A 263 -3.26 -11.44 4.94
N PRO A 264 -2.62 -12.26 5.80
CA PRO A 264 -1.54 -11.79 6.68
C PRO A 264 -0.42 -11.00 6.00
N GLU A 265 0.03 -11.43 4.83
CA GLU A 265 1.16 -10.74 4.20
C GLU A 265 0.80 -9.32 3.80
N THR A 266 -0.46 -9.07 3.48
CA THR A 266 -0.87 -7.71 3.11
C THR A 266 -0.85 -6.78 4.31
N VAL A 267 -1.14 -7.32 5.49
CA VAL A 267 -1.07 -6.54 6.72
C VAL A 267 0.38 -6.21 7.07
N LYS A 268 1.26 -7.19 6.96
CA LYS A 268 2.69 -6.95 7.15
CA LYS A 268 2.69 -6.94 7.16
C LYS A 268 3.17 -5.84 6.22
N ALA A 269 2.75 -5.91 4.96
CA ALA A 269 3.20 -4.92 3.98
C ALA A 269 2.67 -3.53 4.30
N ALA A 270 1.38 -3.41 4.62
CA ALA A 270 0.79 -2.10 4.89
C ALA A 270 1.40 -1.47 6.14
N ILE A 271 1.52 -2.26 7.20
CA ILE A 271 2.15 -1.77 8.42
C ILE A 271 3.62 -1.42 8.16
N GLY A 272 4.32 -2.27 7.40
CA GLY A 272 5.70 -2.00 7.06
C GLY A 272 5.90 -0.68 6.37
N GLN A 273 5.01 -0.33 5.44
CA GLN A 273 5.11 0.95 4.74
C GLN A 273 4.73 2.13 5.62
N ALA A 274 3.65 1.99 6.38
CA ALA A 274 3.22 3.07 7.26
C ALA A 274 4.33 3.47 8.24
N LEU A 275 4.99 2.47 8.82
CA LEU A 275 6.06 2.74 9.77
C LEU A 275 7.37 3.15 9.11
N PHE A 276 7.57 2.76 7.85
CA PHE A 276 8.71 3.24 7.09
C PHE A 276 8.60 4.74 6.86
N PHE A 277 7.42 5.20 6.45
CA PHE A 277 7.19 6.60 6.16
C PHE A 277 6.98 7.46 7.40
N HIS A 278 6.49 6.84 8.49
CA HIS A 278 6.14 7.60 9.70
C HIS A 278 6.59 6.89 10.97
N PRO A 279 7.91 6.67 11.12
CA PRO A 279 8.43 6.00 12.31
C PRO A 279 8.43 6.89 13.54
N ARG A 280 8.75 6.30 14.69
CA ARG A 280 8.68 7.00 15.98
CA ARG A 280 8.69 6.98 15.98
C ARG A 280 7.23 7.06 16.41
N ARG A 281 6.41 7.55 15.50
CA ARG A 281 4.98 7.55 15.67
C ARG A 281 4.47 6.54 14.65
#